data_4QSJ
#
_entry.id   4QSJ
#
_cell.length_a   56.660
_cell.length_b   57.780
_cell.length_c   160.077
_cell.angle_alpha   90.00
_cell.angle_beta   90.00
_cell.angle_gamma   90.00
#
_symmetry.space_group_name_H-M   'P 21 21 21'
#
loop_
_entity.id
_entity.type
_entity.pdbx_description
1 polymer 'Carbonic anhydrase 13'
2 non-polymer 'ZINC ION'
3 non-polymer 2-chloro-4-{[(4-methyl-6-oxo-1,6-dihydropyrimidin-2-yl)sulfanyl]acetyl}benzenesulfonamide
4 non-polymer DI(HYDROXYETHYL)ETHER
5 non-polymer 'DIMETHYL SULFOXIDE'
6 non-polymer 'CITRIC ACID'
7 non-polymer 1,2-ETHANEDIOL
8 non-polymer 'NICKEL (II) ION'
9 water water
#
_entity_poly.entity_id   1
_entity_poly.type   'polypeptide(L)'
_entity_poly.pdbx_seq_one_letter_code
;MMSRLSWGYREHNGPIHWKEFFPIADGDQQSPIEIKTKEVKYDSSLRPLSIKYDPSSAKIISNSGHSFNVDFDDTENKSV
LRGGPLTGSYRLRQVHLHWGSADDHGSEHIVDGVSYAAELHVVHWNSDKYPSFVEAAHEPDGLAVLGVFLQIGEPNSQLQ
KITDTLDSIKEKGKQTRFTNFDLLSLLPPSWDYWTYPGSLTVPPLLESVTWIVLKQPINISSQQLAKFRSLLCTAEGEAA
AFLVSNHRPPQPLKGRKVRASFH
;
_entity_poly.pdbx_strand_id   B,A
#
loop_
_chem_comp.id
_chem_comp.type
_chem_comp.name
_chem_comp.formula
CIT non-polymer 'CITRIC ACID' 'C6 H8 O7'
DMS non-polymer 'DIMETHYL SULFOXIDE' 'C2 H6 O S'
EDO non-polymer 1,2-ETHANEDIOL 'C2 H6 O2'
EWW non-polymer 2-chloro-4-{[(4-methyl-6-oxo-1,6-dihydropyrimidin-2-yl)sulfanyl]acetyl}benzenesulfonamide 'C13 H12 Cl N3 O4 S2'
NI non-polymer 'NICKEL (II) ION' 'Ni 2'
PEG non-polymer DI(HYDROXYETHYL)ETHER 'C4 H10 O3'
ZN non-polymer 'ZINC ION' 'Zn 2'
#
# COMPACT_ATOMS: atom_id res chain seq x y z
N SER A 6 31.81 -18.41 -17.50
CA SER A 6 30.86 -17.78 -16.49
C SER A 6 29.43 -18.30 -16.57
N TRP A 7 28.74 -18.27 -15.44
CA TRP A 7 27.36 -18.82 -15.37
C TRP A 7 26.40 -18.21 -16.35
N GLY A 8 25.42 -18.99 -16.81
CA GLY A 8 24.35 -18.46 -17.68
C GLY A 8 23.20 -19.41 -17.70
N TYR A 9 22.55 -19.51 -18.86
CA TYR A 9 21.42 -20.42 -19.04
C TYR A 9 21.56 -21.32 -20.25
N ARG A 10 22.83 -21.41 -20.71
CA ARG A 10 23.15 -22.25 -21.88
C ARG A 10 23.49 -23.65 -21.41
N GLU A 11 23.74 -24.55 -22.35
CA GLU A 11 23.93 -25.97 -21.99
C GLU A 11 25.07 -26.23 -20.98
N HIS A 12 26.17 -25.51 -21.19
N HIS A 12 26.23 -25.59 -21.14
CA HIS A 12 27.41 -25.72 -20.47
CA HIS A 12 27.40 -25.89 -20.26
C HIS A 12 27.44 -25.05 -19.11
C HIS A 12 27.64 -24.89 -19.15
N ASN A 13 26.76 -23.89 -19.05
CA ASN A 13 26.86 -23.01 -17.91
C ASN A 13 25.53 -22.76 -17.22
N GLY A 14 24.53 -23.56 -17.54
CA GLY A 14 23.11 -23.30 -17.09
C GLY A 14 22.82 -23.88 -15.71
N PRO A 15 21.60 -23.71 -15.21
CA PRO A 15 21.18 -24.06 -13.85
C PRO A 15 21.67 -25.40 -13.31
N ILE A 16 21.63 -26.46 -14.14
CA ILE A 16 22.14 -27.78 -13.74
C ILE A 16 23.63 -27.79 -13.33
N HIS A 17 24.40 -26.86 -13.86
CA HIS A 17 25.83 -26.81 -13.62
C HIS A 17 26.19 -25.79 -12.57
N TRP A 18 25.24 -25.00 -12.06
CA TRP A 18 25.66 -23.93 -11.15
C TRP A 18 26.28 -24.41 -9.86
N LYS A 19 25.83 -25.55 -9.36
CA LYS A 19 26.41 -26.18 -8.18
C LYS A 19 27.96 -26.32 -8.38
N GLU A 20 28.41 -26.45 -9.62
CA GLU A 20 29.87 -26.50 -9.88
C GLU A 20 30.68 -25.24 -9.45
N PHE A 21 30.14 -24.04 -9.61
CA PHE A 21 30.78 -22.83 -9.11
C PHE A 21 30.22 -22.33 -7.73
N PHE A 22 29.00 -22.72 -7.38
CA PHE A 22 28.28 -22.20 -6.19
C PHE A 22 27.54 -23.33 -5.47
N PRO A 23 28.20 -24.02 -4.54
CA PRO A 23 27.63 -25.25 -3.94
C PRO A 23 26.32 -25.08 -3.17
N ILE A 24 26.04 -23.85 -2.71
CA ILE A 24 24.78 -23.60 -1.99
C ILE A 24 23.54 -23.81 -2.95
N ALA A 25 23.83 -24.01 -4.24
CA ALA A 25 22.78 -24.34 -5.23
C ALA A 25 22.01 -25.55 -4.76
N ASP A 26 22.70 -26.43 -3.98
CA ASP A 26 22.07 -27.59 -3.37
C ASP A 26 21.66 -27.45 -1.89
N GLY A 27 21.60 -26.18 -1.45
CA GLY A 27 21.13 -25.85 -0.10
C GLY A 27 19.71 -26.19 0.28
N ASP A 28 19.34 -25.90 1.54
CA ASP A 28 18.08 -26.31 2.10
C ASP A 28 17.03 -25.18 1.95
N GLN A 29 17.45 -23.99 1.48
CA GLN A 29 16.44 -22.87 1.31
C GLN A 29 16.54 -22.21 -0.06
N GLN A 30 16.56 -23.06 -1.09
CA GLN A 30 16.71 -22.59 -2.46
C GLN A 30 15.37 -22.26 -3.13
N SER A 31 15.48 -21.31 -4.07
CA SER A 31 14.38 -20.78 -4.87
C SER A 31 14.66 -20.87 -6.33
N PRO A 32 13.58 -20.92 -7.18
CA PRO A 32 12.17 -20.90 -6.90
C PRO A 32 11.67 -22.31 -6.49
N ILE A 33 10.37 -22.38 -6.28
CA ILE A 33 9.70 -23.62 -5.82
C ILE A 33 8.36 -23.80 -6.54
N GLU A 34 7.86 -25.02 -6.42
CA GLU A 34 6.54 -25.39 -6.84
C GLU A 34 5.63 -24.96 -5.61
N ILE A 35 4.60 -24.17 -5.94
CA ILE A 35 3.61 -23.81 -4.93
C ILE A 35 2.39 -24.75 -5.10
N LYS A 36 2.18 -25.62 -4.12
CA LYS A 36 1.08 -26.65 -4.16
C LYS A 36 0.02 -26.09 -3.16
N THR A 37 -1.02 -25.56 -3.73
CA THR A 37 -2.00 -24.76 -2.98
C THR A 37 -2.73 -25.57 -1.86
N LYS A 38 -2.85 -26.90 -2.02
CA LYS A 38 -3.42 -27.68 -0.92
C LYS A 38 -2.49 -27.92 0.24
N GLU A 39 -1.19 -27.63 0.05
CA GLU A 39 -0.19 -27.74 1.09
C GLU A 39 0.14 -26.41 1.79
N VAL A 40 -0.38 -25.29 1.25
CA VAL A 40 -0.05 -24.01 1.80
C VAL A 40 -0.87 -23.81 3.06
N LYS A 41 -0.26 -23.23 4.08
CA LYS A 41 -0.98 -22.91 5.34
C LYS A 41 -1.44 -21.45 5.33
N TYR A 42 -2.77 -21.22 5.43
CA TYR A 42 -3.29 -19.89 5.67
C TYR A 42 -2.74 -19.41 7.03
N ASP A 43 -2.15 -18.21 7.10
CA ASP A 43 -1.65 -17.70 8.34
C ASP A 43 -2.31 -16.34 8.64
N SER A 44 -3.23 -16.29 9.64
CA SER A 44 -3.88 -15.01 9.95
C SER A 44 -2.95 -13.92 10.54
N SER A 45 -1.71 -14.24 10.92
CA SER A 45 -0.82 -13.20 11.45
C SER A 45 -0.11 -12.44 10.31
N LEU A 46 -0.23 -12.95 9.07
CA LEU A 46 0.40 -12.25 7.91
C LEU A 46 -0.38 -10.96 7.69
N ARG A 47 0.31 -9.90 7.30
CA ARG A 47 -0.35 -8.63 7.07
C ARG A 47 -0.52 -8.34 5.58
N PRO A 48 -1.49 -7.46 5.20
CA PRO A 48 -1.50 -7.01 3.77
C PRO A 48 -0.20 -6.28 3.42
N LEU A 49 0.11 -6.32 2.15
CA LEU A 49 1.34 -5.58 1.73
C LEU A 49 1.08 -4.04 1.85
N SER A 50 2.05 -3.31 2.39
CA SER A 50 2.09 -1.85 2.44
C SER A 50 3.18 -1.37 1.41
N ILE A 51 2.71 -0.79 0.30
CA ILE A 51 3.64 -0.61 -0.82
C ILE A 51 3.75 0.88 -1.18
N LYS A 52 4.97 1.45 -1.24
CA LYS A 52 5.14 2.85 -1.67
C LYS A 52 6.29 2.88 -2.64
N TYR A 53 5.99 3.21 -3.88
CA TYR A 53 6.99 3.26 -4.97
C TYR A 53 6.86 4.62 -5.66
N ASP A 54 7.94 5.42 -5.57
CA ASP A 54 8.05 6.75 -6.19
C ASP A 54 8.51 6.59 -7.66
N PRO A 55 7.66 6.94 -8.63
CA PRO A 55 8.05 6.76 -10.10
C PRO A 55 9.42 7.44 -10.47
N SER A 56 9.84 8.42 -9.68
CA SER A 56 11.09 9.14 -9.90
C SER A 56 12.32 8.36 -9.37
N SER A 57 12.06 7.29 -8.59
CA SER A 57 13.11 6.41 -8.05
C SER A 57 13.82 5.65 -9.21
N ALA A 58 13.10 5.31 -10.29
CA ALA A 58 13.76 4.62 -11.36
C ALA A 58 14.77 5.51 -12.06
N LYS A 59 16.00 4.97 -12.29
CA LYS A 59 16.99 5.82 -13.00
C LYS A 59 17.61 5.28 -14.27
N ILE A 60 17.90 3.97 -14.31
CA ILE A 60 18.68 3.37 -15.41
C ILE A 60 18.12 2.01 -15.72
N ILE A 61 18.15 1.65 -17.01
CA ILE A 61 17.86 0.24 -17.37
C ILE A 61 19.10 -0.33 -18.12
N SER A 62 19.51 -1.53 -17.76
CA SER A 62 20.78 -2.10 -18.31
C SER A 62 20.52 -3.57 -18.73
N ASN A 63 21.33 -4.08 -19.67
CA ASN A 63 21.41 -5.49 -19.93
C ASN A 63 22.58 -6.07 -19.14
N SER A 64 22.26 -6.90 -18.14
CA SER A 64 23.32 -7.60 -17.31
C SER A 64 23.96 -8.81 -18.07
N GLY A 65 23.40 -9.20 -19.22
CA GLY A 65 23.70 -10.51 -19.78
C GLY A 65 22.78 -11.62 -19.31
N HIS A 66 22.07 -11.41 -18.16
CA HIS A 66 21.20 -12.40 -17.50
C HIS A 66 19.71 -12.03 -17.47
N SER A 67 19.43 -10.72 -17.63
CA SER A 67 18.06 -10.16 -17.71
C SER A 67 18.28 -8.69 -18.05
N PHE A 68 17.21 -7.90 -18.13
CA PHE A 68 17.41 -6.41 -18.00
C PHE A 68 17.28 -6.10 -16.49
N ASN A 69 17.90 -4.99 -16.06
CA ASN A 69 17.74 -4.50 -14.68
C ASN A 69 17.30 -3.05 -14.77
N VAL A 70 16.18 -2.71 -14.11
CA VAL A 70 15.84 -1.33 -13.84
C VAL A 70 16.44 -1.09 -12.44
N ASP A 71 17.39 -0.16 -12.34
CA ASP A 71 17.94 0.14 -11.07
C ASP A 71 17.33 1.45 -10.51
N PHE A 72 17.05 1.39 -9.22
CA PHE A 72 16.39 2.53 -8.49
C PHE A 72 17.42 3.15 -7.58
N ASP A 73 17.29 4.46 -7.43
CA ASP A 73 18.10 5.19 -6.46
C ASP A 73 17.61 4.82 -5.10
N ASP A 74 18.44 4.08 -4.37
CA ASP A 74 18.12 3.60 -3.01
C ASP A 74 19.00 4.31 -1.95
N THR A 75 19.29 5.56 -2.23
CA THR A 75 20.03 6.48 -1.31
C THR A 75 19.15 6.71 -0.07
N GLU A 76 17.85 6.84 -0.23
CA GLU A 76 17.01 6.96 1.00
C GLU A 76 15.66 6.25 0.86
N ASN A 77 14.72 6.51 1.76
CA ASN A 77 13.52 5.67 1.90
C ASN A 77 12.36 6.19 1.15
N LYS A 78 12.53 6.66 -0.08
CA LYS A 78 11.35 7.11 -0.90
C LYS A 78 10.46 5.92 -1.43
N SER A 79 11.07 4.76 -1.68
CA SER A 79 10.31 3.62 -2.26
C SER A 79 10.60 2.43 -1.31
N VAL A 80 9.55 1.97 -0.59
CA VAL A 80 9.77 0.91 0.43
C VAL A 80 8.58 -0.07 0.44
N LEU A 81 8.88 -1.29 0.88
CA LEU A 81 7.84 -2.32 1.08
C LEU A 81 7.83 -2.65 2.56
N ARG A 82 6.60 -2.70 3.12
CA ARG A 82 6.39 -3.10 4.55
C ARG A 82 5.19 -3.99 4.62
N GLY A 83 4.84 -4.42 5.84
CA GLY A 83 3.75 -5.38 6.03
C GLY A 83 4.07 -6.74 5.47
N GLY A 84 3.02 -7.39 4.96
CA GLY A 84 3.20 -8.80 4.47
C GLY A 84 3.79 -9.59 5.61
N PRO A 85 4.77 -10.50 5.35
CA PRO A 85 5.49 -11.25 6.45
C PRO A 85 6.68 -10.49 7.11
N LEU A 86 6.91 -9.24 6.71
CA LEU A 86 8.14 -8.53 7.02
C LEU A 86 8.14 -7.81 8.33
N THR A 87 9.28 -7.85 8.97
CA THR A 87 9.49 -6.99 10.14
C THR A 87 10.27 -5.81 9.61
N GLY A 88 9.73 -4.60 9.79
CA GLY A 88 10.50 -3.39 9.42
C GLY A 88 10.41 -3.05 7.92
N SER A 89 11.34 -2.21 7.46
CA SER A 89 11.11 -1.51 6.19
C SER A 89 12.13 -1.98 5.24
N TYR A 90 11.67 -2.39 4.03
CA TYR A 90 12.60 -2.93 2.95
C TYR A 90 12.64 -2.02 1.76
N ARG A 91 13.82 -1.54 1.43
CA ARG A 91 13.99 -0.44 0.46
C ARG A 91 14.12 -1.00 -0.97
N LEU A 92 13.39 -0.39 -1.91
CA LEU A 92 13.42 -0.83 -3.32
C LEU A 92 14.82 -0.65 -3.93
N ARG A 93 15.36 -1.68 -4.58
CA ARG A 93 16.65 -1.58 -5.25
C ARG A 93 16.59 -1.82 -6.75
N GLN A 94 15.83 -2.81 -7.25
N GLN A 94 15.94 -2.90 -7.20
CA GLN A 94 16.10 -3.32 -8.60
CA GLN A 94 15.92 -3.17 -8.63
C GLN A 94 14.90 -4.12 -9.07
C GLN A 94 14.69 -3.94 -9.06
N VAL A 95 14.48 -3.96 -10.36
CA VAL A 95 13.40 -4.78 -10.96
C VAL A 95 14.05 -5.55 -12.15
N HIS A 96 13.70 -6.84 -12.28
CA HIS A 96 14.13 -7.58 -13.47
C HIS A 96 13.11 -8.65 -13.79
N LEU A 97 13.32 -9.38 -14.86
CA LEU A 97 12.32 -10.30 -15.41
C LEU A 97 12.91 -11.63 -15.78
N HIS A 98 12.12 -12.69 -15.61
CA HIS A 98 12.51 -14.02 -16.11
C HIS A 98 11.48 -14.54 -17.12
N TRP A 99 11.97 -15.23 -18.18
CA TRP A 99 11.09 -15.73 -19.22
C TRP A 99 11.71 -17.01 -19.76
N GLY A 100 10.98 -17.57 -20.74
CA GLY A 100 11.44 -18.86 -21.33
C GLY A 100 11.41 -18.71 -22.84
N SER A 101 11.79 -19.78 -23.55
CA SER A 101 11.71 -19.67 -25.04
C SER A 101 10.28 -19.77 -25.60
N ALA A 102 9.34 -20.22 -24.80
CA ALA A 102 7.95 -20.45 -25.26
C ALA A 102 7.07 -19.74 -24.23
N ASP A 103 5.93 -19.23 -24.69
CA ASP A 103 4.98 -18.49 -23.79
C ASP A 103 4.32 -19.32 -22.69
N ASP A 104 4.34 -20.64 -22.79
CA ASP A 104 3.62 -21.49 -21.85
C ASP A 104 4.56 -21.91 -20.70
N HIS A 105 5.89 -21.55 -20.72
CA HIS A 105 6.78 -22.04 -19.70
C HIS A 105 7.92 -21.07 -19.47
N GLY A 106 7.63 -19.95 -18.78
CA GLY A 106 8.64 -18.88 -18.58
C GLY A 106 8.88 -18.42 -17.16
N SER A 107 7.97 -18.74 -16.26
CA SER A 107 8.07 -18.29 -14.86
C SER A 107 9.04 -19.17 -14.05
N GLU A 108 9.49 -18.64 -12.90
CA GLU A 108 10.37 -19.42 -12.01
C GLU A 108 9.56 -20.20 -10.99
N HIS A 109 8.72 -19.52 -10.21
CA HIS A 109 7.70 -20.21 -9.40
C HIS A 109 6.61 -20.81 -10.28
N ILE A 110 6.08 -21.96 -9.83
CA ILE A 110 5.09 -22.74 -10.61
C ILE A 110 3.94 -23.03 -9.61
N VAL A 111 2.67 -22.88 -10.02
CA VAL A 111 1.57 -23.00 -9.05
C VAL A 111 0.69 -24.21 -9.48
N ASP A 112 0.78 -25.30 -8.72
CA ASP A 112 0.09 -26.54 -9.05
C ASP A 112 0.38 -26.95 -10.49
N GLY A 113 1.64 -26.83 -10.86
CA GLY A 113 2.04 -27.24 -12.23
C GLY A 113 1.88 -26.20 -13.30
N VAL A 114 1.28 -25.02 -12.99
CA VAL A 114 1.04 -23.98 -14.00
C VAL A 114 2.27 -23.08 -14.00
N SER A 115 2.97 -23.07 -15.12
N SER A 115 2.99 -23.06 -15.13
CA SER A 115 3.99 -22.04 -15.32
CA SER A 115 4.13 -22.08 -15.36
C SER A 115 3.26 -20.90 -15.98
C SER A 115 3.64 -20.94 -16.26
N TYR A 116 3.77 -19.69 -15.75
CA TYR A 116 3.33 -18.53 -16.47
C TYR A 116 4.27 -18.10 -17.59
N ALA A 117 3.89 -17.07 -18.40
CA ALA A 117 4.74 -16.71 -19.52
C ALA A 117 6.03 -16.06 -19.01
N ALA A 118 5.99 -15.34 -17.88
CA ALA A 118 7.25 -14.73 -17.40
C ALA A 118 7.03 -14.41 -15.94
N GLU A 119 8.05 -13.86 -15.24
CA GLU A 119 7.86 -13.54 -13.84
C GLU A 119 8.78 -12.35 -13.52
N LEU A 120 8.14 -11.30 -12.97
CA LEU A 120 8.87 -10.09 -12.65
C LEU A 120 9.32 -10.22 -11.18
N HIS A 121 10.58 -9.79 -10.91
CA HIS A 121 11.05 -9.72 -9.51
C HIS A 121 11.39 -8.32 -9.11
N VAL A 122 10.88 -7.92 -7.95
CA VAL A 122 11.08 -6.59 -7.39
C VAL A 122 11.90 -6.80 -6.10
N VAL A 123 13.16 -6.33 -6.11
CA VAL A 123 14.11 -6.72 -5.04
C VAL A 123 14.32 -5.57 -4.05
N HIS A 124 14.23 -5.90 -2.76
CA HIS A 124 14.28 -4.83 -1.73
C HIS A 124 15.24 -5.28 -0.65
N TRP A 125 15.75 -4.33 0.13
CA TRP A 125 16.67 -4.72 1.21
C TRP A 125 16.35 -4.05 2.56
N ASN A 126 16.68 -4.74 3.66
CA ASN A 126 16.26 -4.32 5.02
C ASN A 126 17.24 -3.23 5.49
N SER A 127 16.87 -1.97 5.33
CA SER A 127 17.73 -0.85 5.78
C SER A 127 17.44 -0.51 7.23
N ASP A 128 16.45 -1.17 7.86
CA ASP A 128 16.24 -0.99 9.33
C ASP A 128 17.31 -1.77 10.14
N LYS A 129 17.93 -2.79 9.56
CA LYS A 129 18.91 -3.57 10.30
C LYS A 129 20.29 -3.49 9.64
N TYR A 130 20.36 -3.21 8.35
CA TYR A 130 21.65 -3.27 7.59
C TYR A 130 21.98 -1.90 6.93
N PRO A 131 23.27 -1.59 6.80
CA PRO A 131 23.61 -0.28 6.27
C PRO A 131 23.59 -0.20 4.73
N SER A 132 23.51 -1.36 4.07
CA SER A 132 23.63 -1.36 2.57
C SER A 132 23.02 -2.69 2.05
N PHE A 133 22.62 -2.63 0.79
CA PHE A 133 22.22 -3.84 0.07
C PHE A 133 23.21 -4.93 0.21
N VAL A 134 24.48 -4.56 0.07
N VAL A 134 24.51 -4.67 0.04
CA VAL A 134 25.54 -5.54 0.07
CA VAL A 134 25.48 -5.83 0.08
C VAL A 134 25.62 -6.35 1.36
C VAL A 134 25.49 -6.50 1.45
N GLU A 135 25.43 -5.69 2.50
CA GLU A 135 25.40 -6.34 3.80
C GLU A 135 24.12 -7.17 4.01
N ALA A 136 23.01 -6.58 3.58
CA ALA A 136 21.68 -7.23 3.74
C ALA A 136 21.63 -8.58 2.95
N ALA A 137 22.35 -8.62 1.82
CA ALA A 137 22.21 -9.76 0.90
C ALA A 137 22.81 -11.04 1.46
N HIS A 138 23.56 -10.91 2.57
CA HIS A 138 24.21 -12.05 3.24
C HIS A 138 23.57 -12.42 4.56
N GLU A 139 22.33 -11.99 4.83
CA GLU A 139 21.68 -12.35 6.04
C GLU A 139 20.24 -12.89 5.79
N PRO A 140 19.77 -13.83 6.61
CA PRO A 140 18.47 -14.48 6.31
C PRO A 140 17.30 -13.51 6.25
N ASP A 141 17.34 -12.41 7.01
CA ASP A 141 16.24 -11.43 6.99
C ASP A 141 16.63 -10.20 6.13
N GLY A 142 17.67 -10.30 5.30
CA GLY A 142 18.18 -9.06 4.59
C GLY A 142 17.37 -8.63 3.36
N LEU A 143 16.82 -9.60 2.59
CA LEU A 143 16.19 -9.23 1.31
C LEU A 143 14.71 -9.62 1.28
N ALA A 144 13.91 -8.87 0.52
CA ALA A 144 12.53 -9.29 0.27
C ALA A 144 12.29 -9.08 -1.17
N VAL A 145 11.76 -10.14 -1.81
CA VAL A 145 11.48 -10.06 -3.27
C VAL A 145 9.97 -10.28 -3.51
N LEU A 146 9.37 -9.34 -4.21
CA LEU A 146 8.00 -9.43 -4.66
C LEU A 146 8.04 -10.11 -6.07
N GLY A 147 7.33 -11.28 -6.23
CA GLY A 147 7.33 -12.00 -7.54
C GLY A 147 5.97 -11.71 -8.16
N VAL A 148 5.92 -11.26 -9.44
CA VAL A 148 4.62 -11.04 -10.10
C VAL A 148 4.63 -11.85 -11.38
N PHE A 149 3.61 -12.71 -11.55
CA PHE A 149 3.48 -13.50 -12.79
C PHE A 149 3.01 -12.64 -13.92
N LEU A 150 3.51 -12.96 -15.12
CA LEU A 150 2.99 -12.36 -16.39
C LEU A 150 2.28 -13.46 -17.20
N GLN A 151 1.09 -13.16 -17.71
CA GLN A 151 0.38 -14.10 -18.63
C GLN A 151 0.14 -13.38 -19.94
N ILE A 152 0.03 -14.14 -21.04
CA ILE A 152 -0.18 -13.46 -22.35
C ILE A 152 -1.60 -12.90 -22.39
N GLY A 153 -1.71 -11.64 -22.77
CA GLY A 153 -3.05 -11.03 -22.97
C GLY A 153 -2.89 -9.74 -23.69
N GLU A 154 -3.61 -8.72 -23.26
CA GLU A 154 -3.52 -7.44 -23.97
C GLU A 154 -2.15 -6.81 -23.71
N PRO A 155 -1.68 -5.98 -24.64
CA PRO A 155 -0.38 -5.31 -24.43
C PRO A 155 -0.49 -4.48 -23.15
N ASN A 156 0.63 -4.33 -22.42
CA ASN A 156 0.69 -3.58 -21.18
C ASN A 156 1.41 -2.27 -21.40
N SER A 157 0.69 -1.16 -21.21
CA SER A 157 1.27 0.15 -21.62
C SER A 157 2.47 0.52 -20.75
N GLN A 158 2.53 0.12 -19.46
N GLN A 158 2.50 0.06 -19.50
CA GLN A 158 3.76 0.38 -18.66
CA GLN A 158 3.67 0.29 -18.66
C GLN A 158 4.95 -0.50 -19.12
C GLN A 158 4.91 -0.52 -19.06
N LEU A 159 4.69 -1.76 -19.49
CA LEU A 159 5.79 -2.63 -19.96
C LEU A 159 6.27 -2.15 -21.34
N GLN A 160 5.39 -1.48 -22.13
CA GLN A 160 5.80 -0.93 -23.44
C GLN A 160 6.94 0.05 -23.21
N LYS A 161 6.88 0.76 -22.10
CA LYS A 161 7.98 1.66 -21.82
C LYS A 161 9.34 0.96 -21.71
N ILE A 162 9.35 -0.21 -21.04
CA ILE A 162 10.57 -1.04 -21.02
C ILE A 162 10.91 -1.60 -22.42
N THR A 163 9.94 -2.22 -23.12
CA THR A 163 10.27 -2.81 -24.44
C THR A 163 10.84 -1.77 -25.42
N ASP A 164 10.36 -0.54 -25.37
CA ASP A 164 10.83 0.51 -26.27
C ASP A 164 12.32 0.83 -26.09
N THR A 165 12.90 0.44 -24.96
CA THR A 165 14.33 0.70 -24.65
C THR A 165 15.24 -0.42 -25.07
N LEU A 166 14.69 -1.59 -25.41
CA LEU A 166 15.53 -2.77 -25.50
C LEU A 166 16.46 -2.67 -26.70
N ASP A 167 16.05 -2.06 -27.81
CA ASP A 167 17.03 -1.96 -28.94
C ASP A 167 18.34 -1.21 -28.52
N SER A 168 18.23 -0.24 -27.61
CA SER A 168 19.36 0.53 -27.17
C SER A 168 20.26 -0.22 -26.18
N ILE A 169 19.78 -1.34 -25.62
CA ILE A 169 20.60 -2.13 -24.69
C ILE A 169 20.83 -3.62 -25.12
N LYS A 170 20.87 -3.86 -26.42
CA LYS A 170 20.92 -5.23 -26.91
C LYS A 170 22.17 -5.95 -26.39
N GLU A 171 23.31 -5.26 -26.39
CA GLU A 171 24.54 -5.88 -25.93
C GLU A 171 24.72 -5.90 -24.44
N LYS A 172 25.30 -6.99 -23.96
CA LYS A 172 25.56 -7.17 -22.56
C LYS A 172 26.36 -5.95 -22.06
N GLY A 173 25.97 -5.38 -20.92
CA GLY A 173 26.70 -4.24 -20.41
C GLY A 173 26.14 -2.88 -20.77
N LYS A 174 25.31 -2.80 -21.81
CA LYS A 174 24.77 -1.50 -22.22
C LYS A 174 23.70 -1.01 -21.25
N GLN A 175 23.66 0.31 -21.10
CA GLN A 175 22.66 0.97 -20.25
C GLN A 175 22.11 2.22 -20.86
N THR A 176 20.92 2.59 -20.42
CA THR A 176 20.31 3.79 -20.87
C THR A 176 19.42 4.39 -19.73
N ARG A 177 19.14 5.70 -19.80
CA ARG A 177 18.44 6.33 -18.71
C ARG A 177 17.01 5.91 -18.82
N PHE A 178 16.36 5.79 -17.68
CA PHE A 178 15.02 5.25 -17.61
C PHE A 178 14.39 5.76 -16.33
N THR A 179 13.37 6.61 -16.44
CA THR A 179 12.78 7.14 -15.16
C THR A 179 11.29 7.38 -15.32
N ASN A 180 10.60 7.91 -14.30
CA ASN A 180 9.15 8.02 -14.32
C ASN A 180 8.48 6.67 -14.59
N PHE A 181 8.77 5.68 -13.73
CA PHE A 181 8.25 4.33 -13.96
C PHE A 181 7.29 4.04 -12.79
N ASP A 182 5.99 3.88 -13.08
CA ASP A 182 5.01 3.88 -11.96
C ASP A 182 4.83 2.38 -11.62
N LEU A 183 5.74 1.90 -10.80
CA LEU A 183 5.75 0.48 -10.50
C LEU A 183 4.52 0.11 -9.68
N LEU A 184 4.02 1.03 -8.84
CA LEU A 184 2.85 0.72 -8.04
C LEU A 184 1.64 0.39 -8.95
N SER A 185 1.42 1.15 -10.03
N SER A 185 1.44 1.16 -10.03
CA SER A 185 0.30 0.90 -10.92
CA SER A 185 0.32 0.95 -10.97
C SER A 185 0.46 -0.38 -11.75
C SER A 185 0.49 -0.29 -11.87
N LEU A 186 1.69 -0.80 -11.92
CA LEU A 186 1.97 -2.04 -12.68
C LEU A 186 1.46 -3.32 -11.95
N LEU A 187 1.40 -3.27 -10.62
CA LEU A 187 0.97 -4.44 -9.86
C LEU A 187 -0.49 -4.83 -10.17
N PRO A 188 -0.86 -6.14 -10.02
CA PRO A 188 -2.24 -6.57 -10.28
C PRO A 188 -3.27 -5.98 -9.32
N PRO A 189 -4.54 -6.08 -9.62
CA PRO A 189 -5.57 -5.58 -8.67
C PRO A 189 -5.46 -6.20 -7.24
N SER A 190 -5.31 -7.51 -7.14
CA SER A 190 -5.25 -8.21 -5.86
C SER A 190 -3.81 -8.43 -5.44
N TRP A 191 -3.51 -8.07 -4.21
CA TRP A 191 -2.16 -8.33 -3.64
C TRP A 191 -2.12 -9.50 -2.65
N ASP A 192 -3.09 -10.40 -2.78
CA ASP A 192 -3.03 -11.68 -2.06
C ASP A 192 -1.77 -12.43 -2.47
N TYR A 193 -1.10 -13.09 -1.51
CA TYR A 193 0.22 -13.62 -1.81
C TYR A 193 0.52 -14.90 -1.05
N TRP A 194 1.55 -15.60 -1.51
CA TRP A 194 2.16 -16.70 -0.75
C TRP A 194 3.53 -16.25 -0.33
N THR A 195 4.04 -16.83 0.78
CA THR A 195 5.36 -16.42 1.22
C THR A 195 6.14 -17.60 1.79
N TYR A 196 7.44 -17.61 1.61
CA TYR A 196 8.30 -18.65 2.20
C TYR A 196 9.74 -18.13 2.21
N PRO A 197 10.61 -18.74 3.03
CA PRO A 197 12.01 -18.29 3.14
C PRO A 197 12.80 -19.00 2.04
N GLY A 198 13.56 -18.24 1.28
CA GLY A 198 14.37 -18.82 0.20
C GLY A 198 15.62 -18.10 -0.18
N SER A 199 15.90 -18.03 -1.50
CA SER A 199 17.21 -17.58 -1.96
C SER A 199 17.13 -16.73 -3.21
N LEU A 200 18.25 -16.13 -3.60
CA LEU A 200 18.37 -15.57 -4.90
C LEU A 200 18.19 -16.75 -5.88
N THR A 201 17.60 -16.45 -7.05
CA THR A 201 17.45 -17.52 -8.05
C THR A 201 18.53 -17.52 -9.08
N VAL A 202 19.55 -16.69 -8.85
CA VAL A 202 20.74 -16.66 -9.71
C VAL A 202 21.97 -16.76 -8.81
N PRO A 203 23.11 -17.22 -9.36
CA PRO A 203 24.37 -17.05 -8.60
C PRO A 203 24.59 -15.65 -8.12
N PRO A 204 25.02 -15.52 -6.83
CA PRO A 204 25.53 -16.53 -5.86
C PRO A 204 24.56 -17.33 -5.02
N LEU A 205 23.22 -17.19 -5.29
CA LEU A 205 22.19 -18.09 -4.76
C LEU A 205 22.06 -18.01 -3.24
N LEU A 206 22.38 -16.83 -2.71
CA LEU A 206 22.43 -16.65 -1.23
C LEU A 206 21.00 -16.84 -0.66
N GLU A 207 20.95 -17.44 0.52
CA GLU A 207 19.72 -17.80 1.20
C GLU A 207 19.30 -16.66 2.17
N SER A 208 18.98 -15.54 1.57
CA SER A 208 18.73 -14.28 2.27
C SER A 208 17.39 -13.68 1.94
N VAL A 209 16.55 -14.44 1.27
CA VAL A 209 15.32 -13.83 0.67
C VAL A 209 14.03 -14.27 1.35
N THR A 210 13.19 -13.28 1.75
CA THR A 210 11.79 -13.55 2.06
C THR A 210 10.98 -13.36 0.76
N TRP A 211 10.45 -14.47 0.23
CA TRP A 211 9.74 -14.39 -1.01
C TRP A 211 8.30 -14.06 -0.71
N ILE A 212 7.76 -13.17 -1.56
CA ILE A 212 6.33 -12.79 -1.53
C ILE A 212 5.84 -12.91 -2.97
N VAL A 213 5.08 -13.99 -3.26
CA VAL A 213 4.72 -14.23 -4.64
C VAL A 213 3.21 -13.96 -4.75
N LEU A 214 2.84 -12.97 -5.58
CA LEU A 214 1.41 -12.64 -5.75
C LEU A 214 0.69 -13.67 -6.59
N LYS A 215 -0.50 -14.01 -6.12
CA LYS A 215 -1.33 -14.97 -6.84
C LYS A 215 -1.79 -14.47 -8.23
N GLN A 216 -2.20 -13.22 -8.32
CA GLN A 216 -2.85 -12.76 -9.59
C GLN A 216 -1.80 -12.31 -10.60
N PRO A 217 -1.81 -12.88 -11.82
CA PRO A 217 -0.84 -12.37 -12.83
C PRO A 217 -1.25 -11.01 -13.47
N ILE A 218 -0.26 -10.35 -14.09
CA ILE A 218 -0.52 -9.20 -14.97
C ILE A 218 -0.40 -9.64 -16.42
N ASN A 219 -0.88 -8.81 -17.34
N ASN A 219 -0.87 -8.76 -17.32
CA ASN A 219 -0.84 -9.22 -18.75
CA ASN A 219 -0.84 -9.04 -18.78
C ASN A 219 0.32 -8.56 -19.53
C ASN A 219 0.45 -8.58 -19.46
N ILE A 220 0.83 -9.27 -20.54
CA ILE A 220 1.80 -8.76 -21.48
C ILE A 220 1.41 -9.36 -22.86
N SER A 221 1.66 -8.63 -23.96
CA SER A 221 1.34 -9.31 -25.25
C SER A 221 2.43 -10.27 -25.64
N SER A 222 2.13 -11.24 -26.53
CA SER A 222 3.24 -12.10 -27.04
C SER A 222 4.33 -11.28 -27.73
N GLN A 223 3.96 -10.20 -28.46
CA GLN A 223 4.99 -9.37 -29.14
C GLN A 223 5.93 -8.61 -28.21
N GLN A 224 5.37 -8.05 -27.13
CA GLN A 224 6.18 -7.37 -26.09
C GLN A 224 7.13 -8.39 -25.41
N LEU A 225 6.58 -9.57 -25.09
CA LEU A 225 7.43 -10.59 -24.36
C LEU A 225 8.55 -11.01 -25.30
N ALA A 226 8.22 -11.22 -26.59
CA ALA A 226 9.26 -11.72 -27.48
C ALA A 226 10.45 -10.77 -27.59
N LYS A 227 10.24 -9.43 -27.45
CA LYS A 227 11.32 -8.54 -27.50
C LYS A 227 12.42 -8.82 -26.50
N PHE A 228 12.09 -9.31 -25.29
CA PHE A 228 13.17 -9.60 -24.33
C PHE A 228 14.16 -10.70 -24.77
N ARG A 229 13.68 -11.63 -25.61
CA ARG A 229 14.51 -12.73 -26.08
C ARG A 229 15.56 -12.25 -27.06
N SER A 230 15.42 -11.05 -27.62
N SER A 230 15.39 -11.02 -27.57
CA SER A 230 16.47 -10.42 -28.49
CA SER A 230 16.36 -10.29 -28.44
C SER A 230 17.70 -9.92 -27.75
C SER A 230 17.55 -9.62 -27.75
N LEU A 231 17.57 -9.70 -26.42
CA LEU A 231 18.77 -9.28 -25.67
C LEU A 231 19.91 -10.28 -25.87
N LEU A 232 21.16 -9.83 -25.92
CA LEU A 232 22.34 -10.77 -26.00
C LEU A 232 22.83 -11.12 -24.61
N CYS A 233 23.30 -12.36 -24.45
CA CYS A 233 23.96 -12.74 -23.20
C CYS A 233 25.46 -12.51 -23.31
N THR A 234 25.83 -12.02 -24.46
CA THR A 234 27.26 -11.85 -24.82
C THR A 234 27.52 -10.31 -25.02
N ALA A 235 28.77 -9.89 -24.75
CA ALA A 235 29.18 -8.45 -24.87
C ALA A 235 29.54 -8.01 -26.30
N GLU A 236 29.51 -6.70 -26.58
CA GLU A 236 30.04 -6.20 -27.89
C GLU A 236 31.47 -6.83 -28.10
N GLY A 237 31.72 -7.41 -29.28
CA GLY A 237 33.03 -8.03 -29.55
C GLY A 237 33.18 -9.53 -29.26
N GLU A 238 32.13 -10.14 -28.71
CA GLU A 238 32.06 -11.60 -28.43
C GLU A 238 31.14 -12.26 -29.52
N ALA A 239 31.24 -13.56 -29.74
CA ALA A 239 30.29 -14.22 -30.69
C ALA A 239 28.83 -14.10 -30.13
N ALA A 240 27.90 -13.55 -30.91
CA ALA A 240 26.53 -13.29 -30.40
C ALA A 240 25.78 -14.55 -29.99
N ALA A 241 25.16 -14.52 -28.81
CA ALA A 241 24.22 -15.54 -28.41
C ALA A 241 23.06 -14.84 -27.72
N PHE A 242 21.83 -15.34 -27.96
CA PHE A 242 20.65 -14.64 -27.42
C PHE A 242 20.12 -15.18 -26.08
N LEU A 243 19.54 -14.26 -25.27
CA LEU A 243 19.02 -14.67 -23.94
C LEU A 243 17.56 -15.12 -24.17
N VAL A 244 17.43 -16.30 -24.85
CA VAL A 244 16.02 -16.77 -25.19
C VAL A 244 15.26 -17.26 -23.96
N SER A 245 15.99 -17.59 -22.87
CA SER A 245 15.39 -18.19 -21.68
C SER A 245 16.32 -17.93 -20.50
N ASN A 246 15.73 -17.60 -19.34
CA ASN A 246 16.59 -17.21 -18.21
C ASN A 246 15.85 -17.51 -16.89
N HIS A 247 15.21 -18.65 -16.85
CA HIS A 247 14.50 -19.07 -15.63
C HIS A 247 15.11 -20.29 -15.03
N ARG A 248 15.18 -20.34 -13.71
CA ARG A 248 15.77 -21.49 -13.00
C ARG A 248 14.67 -22.50 -12.66
N PRO A 249 14.92 -23.85 -12.71
CA PRO A 249 13.86 -24.79 -12.39
C PRO A 249 13.55 -24.75 -10.91
N PRO A 250 12.39 -25.24 -10.51
CA PRO A 250 12.01 -25.33 -9.09
C PRO A 250 12.94 -26.27 -8.27
N GLN A 251 13.11 -25.91 -6.99
CA GLN A 251 14.10 -26.54 -6.13
C GLN A 251 13.34 -27.19 -4.98
N PRO A 252 13.94 -28.23 -4.36
CA PRO A 252 13.27 -28.97 -3.28
C PRO A 252 12.88 -28.07 -2.10
N LEU A 253 11.66 -28.27 -1.62
CA LEU A 253 11.15 -27.45 -0.54
C LEU A 253 11.80 -27.80 0.81
N LYS A 254 12.25 -29.07 0.95
CA LYS A 254 13.08 -29.42 2.14
C LYS A 254 12.46 -29.00 3.50
N GLY A 255 11.18 -29.21 3.60
CA GLY A 255 10.49 -29.00 4.90
C GLY A 255 10.10 -27.57 5.24
N ARG A 256 10.31 -26.63 4.31
CA ARG A 256 9.85 -25.28 4.57
C ARG A 256 8.32 -25.16 4.48
N LYS A 257 7.79 -24.20 5.22
CA LYS A 257 6.33 -23.92 5.27
C LYS A 257 6.03 -22.80 4.27
N VAL A 258 5.18 -23.08 3.28
CA VAL A 258 4.69 -21.99 2.39
C VAL A 258 3.37 -21.54 3.01
N ARG A 259 3.24 -20.23 3.22
CA ARG A 259 2.06 -19.69 3.89
C ARG A 259 1.26 -18.79 2.94
N ALA A 260 -0.05 -18.68 3.14
CA ALA A 260 -0.93 -17.81 2.32
C ALA A 260 -1.46 -16.68 3.15
N SER A 261 -1.63 -15.50 2.54
CA SER A 261 -2.27 -14.39 3.24
C SER A 261 -3.75 -14.36 3.11
N PHE A 262 -4.33 -15.39 2.44
CA PHE A 262 -5.74 -15.37 2.10
C PHE A 262 -6.24 -16.81 2.19
N HIS A 263 -7.56 -16.99 2.30
CA HIS A 263 -8.16 -18.36 2.22
C HIS A 263 -9.57 -18.24 1.64
N ARG B 4 -28.76 25.86 10.37
CA ARG B 4 -28.48 24.85 9.31
C ARG B 4 -27.12 25.14 8.66
N LEU B 5 -26.89 26.39 8.24
CA LEU B 5 -25.59 26.86 7.70
C LEU B 5 -24.74 27.61 8.77
N SER B 6 -24.69 27.05 9.98
CA SER B 6 -23.89 27.63 11.06
C SER B 6 -23.70 26.63 12.19
N TRP B 7 -23.81 25.33 11.92
CA TRP B 7 -23.40 24.35 12.91
C TRP B 7 -21.87 24.47 13.23
N GLY B 8 -21.48 23.98 14.41
CA GLY B 8 -20.04 23.97 14.78
C GLY B 8 -19.88 23.19 16.02
N TYR B 9 -18.95 23.61 16.92
CA TYR B 9 -18.68 22.85 18.15
C TYR B 9 -18.67 23.78 19.35
N ARG B 10 -19.20 24.98 19.13
CA ARG B 10 -19.32 25.94 20.28
C ARG B 10 -20.62 25.67 21.09
N GLU B 11 -20.80 26.43 22.18
CA GLU B 11 -21.96 26.20 23.04
C GLU B 11 -23.36 26.14 22.32
N HIS B 12 -23.64 27.10 21.48
CA HIS B 12 -24.97 27.28 20.83
C HIS B 12 -25.16 26.63 19.51
N ASN B 13 -24.05 26.19 18.91
CA ASN B 13 -24.15 25.48 17.63
C ASN B 13 -23.50 24.07 17.65
N GLY B 14 -23.07 23.62 18.80
CA GLY B 14 -22.43 22.30 18.94
C GLY B 14 -23.29 21.07 18.80
N PRO B 15 -22.69 19.86 19.01
CA PRO B 15 -23.34 18.63 18.71
C PRO B 15 -24.73 18.41 19.34
N ILE B 16 -24.92 18.85 20.59
CA ILE B 16 -26.21 18.65 21.22
C ILE B 16 -27.33 19.42 20.48
N HIS B 17 -26.99 20.44 19.71
CA HIS B 17 -27.99 21.20 18.98
C HIS B 17 -28.16 20.74 17.56
N TRP B 18 -27.30 19.81 17.09
CA TRP B 18 -27.40 19.53 15.65
C TRP B 18 -28.77 18.97 15.24
N LYS B 19 -29.39 18.15 16.09
CA LYS B 19 -30.77 17.58 15.87
C LYS B 19 -31.83 18.66 15.50
N GLU B 20 -31.59 19.93 15.86
CA GLU B 20 -32.53 21.02 15.51
C GLU B 20 -32.65 21.28 14.05
N PHE B 21 -31.57 21.13 13.34
CA PHE B 21 -31.64 21.21 11.93
C PHE B 21 -31.38 19.92 11.17
N PHE B 22 -30.92 18.88 11.85
CA PHE B 22 -30.51 17.61 11.20
C PHE B 22 -31.08 16.47 12.05
N PRO B 23 -32.42 16.23 11.96
CA PRO B 23 -33.03 15.32 12.89
C PRO B 23 -32.53 13.86 12.82
N ILE B 24 -31.83 13.50 11.73
CA ILE B 24 -31.18 12.20 11.55
C ILE B 24 -30.05 12.02 12.65
N ALA B 25 -29.70 13.12 13.36
CA ALA B 25 -28.75 13.07 14.50
C ALA B 25 -29.18 12.04 15.49
N ASP B 26 -30.52 11.87 15.60
CA ASP B 26 -31.01 10.81 16.50
C ASP B 26 -31.49 9.51 15.85
N GLY B 27 -30.99 9.21 14.65
CA GLY B 27 -31.27 8.05 13.88
C GLY B 27 -30.72 6.72 14.48
N ASP B 28 -30.86 5.70 13.67
CA ASP B 28 -30.59 4.36 14.08
C ASP B 28 -29.21 3.92 13.66
N GLN B 29 -28.57 4.72 12.79
CA GLN B 29 -27.23 4.31 12.26
C GLN B 29 -26.25 5.51 12.35
N GLN B 30 -26.15 6.10 13.54
CA GLN B 30 -25.34 7.28 13.72
C GLN B 30 -23.97 6.88 14.24
N SER B 31 -23.00 7.75 13.92
CA SER B 31 -21.60 7.62 14.30
C SER B 31 -21.14 8.88 15.00
N PRO B 32 -20.07 8.80 15.81
CA PRO B 32 -19.31 7.58 16.13
C PRO B 32 -20.04 6.76 17.23
N ILE B 33 -19.40 5.71 17.66
CA ILE B 33 -20.00 4.72 18.58
C ILE B 33 -18.97 4.29 19.63
N GLU B 34 -19.45 3.68 20.72
CA GLU B 34 -18.59 2.89 21.60
C GLU B 34 -18.45 1.44 21.15
N ILE B 35 -17.23 0.92 21.14
CA ILE B 35 -17.02 -0.46 20.73
C ILE B 35 -16.72 -1.25 22.02
N LYS B 36 -17.61 -2.21 22.30
CA LYS B 36 -17.50 -3.11 23.46
C LYS B 36 -16.85 -4.40 22.93
N THR B 37 -15.53 -4.55 23.10
CA THR B 37 -14.85 -5.73 22.46
C THR B 37 -15.45 -7.13 22.84
N LYS B 38 -15.94 -7.31 24.07
CA LYS B 38 -16.46 -8.63 24.45
C LYS B 38 -17.69 -9.04 23.62
N GLU B 39 -18.39 -8.04 23.04
CA GLU B 39 -19.51 -8.32 22.18
C GLU B 39 -19.23 -8.37 20.67
N VAL B 40 -17.97 -8.27 20.24
CA VAL B 40 -17.68 -8.14 18.83
C VAL B 40 -17.35 -9.55 18.40
N LYS B 41 -17.82 -9.94 17.24
CA LYS B 41 -17.53 -11.27 16.71
C LYS B 41 -16.53 -11.09 15.60
N TYR B 42 -15.46 -11.92 15.61
CA TYR B 42 -14.61 -12.09 14.44
C TYR B 42 -15.52 -12.60 13.29
N ASP B 43 -15.30 -12.04 12.08
CA ASP B 43 -15.95 -12.53 10.87
C ASP B 43 -14.96 -13.05 9.82
N SER B 44 -14.86 -14.39 9.62
CA SER B 44 -13.93 -14.93 8.65
C SER B 44 -14.24 -14.59 7.23
N SER B 45 -15.48 -14.08 6.92
CA SER B 45 -15.82 -13.74 5.51
C SER B 45 -15.24 -12.38 4.99
N LEU B 46 -14.78 -11.57 5.91
CA LEU B 46 -14.02 -10.32 5.53
C LEU B 46 -12.74 -10.64 4.75
N ARG B 47 -12.52 -9.97 3.60
CA ARG B 47 -11.41 -10.27 2.70
C ARG B 47 -10.23 -9.39 3.17
N PRO B 48 -8.99 -9.70 2.75
CA PRO B 48 -7.93 -8.79 3.09
C PRO B 48 -8.25 -7.35 2.70
N LEU B 49 -7.89 -6.42 3.57
CA LEU B 49 -7.94 -4.95 3.27
C LEU B 49 -6.84 -4.62 2.34
N SER B 50 -7.13 -3.84 1.27
CA SER B 50 -6.14 -3.53 0.21
C SER B 50 -6.06 -2.01 0.10
N ILE B 51 -4.92 -1.42 0.39
CA ILE B 51 -4.78 0.02 0.31
C ILE B 51 -3.71 0.36 -0.73
N LYS B 52 -4.14 0.90 -1.89
CA LYS B 52 -3.19 1.37 -2.90
C LYS B 52 -3.31 2.92 -2.89
N TYR B 53 -2.28 3.61 -2.40
N TYR B 53 -2.17 3.54 -2.57
CA TYR B 53 -2.33 5.10 -2.37
CA TYR B 53 -2.13 4.97 -2.32
C TYR B 53 -1.13 5.68 -3.10
C TYR B 53 -1.05 5.61 -3.19
N ASP B 54 -1.41 6.66 -3.96
CA ASP B 54 -0.38 7.39 -4.75
C ASP B 54 -0.20 8.80 -4.15
N PRO B 55 1.01 9.14 -3.68
CA PRO B 55 1.23 10.46 -3.06
C PRO B 55 0.94 11.62 -4.00
N SER B 56 1.05 11.41 -5.32
CA SER B 56 0.65 12.50 -6.28
C SER B 56 -0.84 12.77 -6.38
N SER B 57 -1.70 11.97 -5.74
CA SER B 57 -3.13 12.23 -5.79
C SER B 57 -3.52 13.39 -4.85
N ALA B 58 -2.67 13.72 -3.87
CA ALA B 58 -3.00 14.87 -2.92
C ALA B 58 -2.92 16.16 -3.71
N LYS B 59 -3.86 17.06 -3.51
CA LYS B 59 -3.83 18.32 -4.27
C LYS B 59 -3.76 19.59 -3.40
N ILE B 60 -4.60 19.69 -2.37
CA ILE B 60 -4.68 20.95 -1.59
C ILE B 60 -4.94 20.62 -0.13
N ILE B 61 -4.53 21.51 0.76
CA ILE B 61 -5.01 21.39 2.15
C ILE B 61 -5.76 22.70 2.43
N SER B 62 -6.88 22.62 3.16
CA SER B 62 -7.69 23.82 3.44
C SER B 62 -8.22 23.79 4.86
N ASN B 63 -8.61 24.94 5.37
CA ASN B 63 -9.33 25.01 6.69
C ASN B 63 -10.81 25.20 6.37
N SER B 64 -11.64 24.19 6.65
CA SER B 64 -13.06 24.27 6.35
C SER B 64 -13.82 25.04 7.44
N GLY B 65 -13.14 25.37 8.54
CA GLY B 65 -13.78 25.96 9.78
C GLY B 65 -14.11 24.85 10.78
N HIS B 66 -14.09 23.54 10.33
CA HIS B 66 -14.44 22.43 11.25
C HIS B 66 -13.26 21.41 11.42
N SER B 67 -12.31 21.48 10.49
CA SER B 67 -11.01 20.75 10.60
C SER B 67 -10.13 21.23 9.50
N PHE B 68 -8.95 20.64 9.34
CA PHE B 68 -8.23 20.87 8.05
C PHE B 68 -8.72 19.75 7.14
N ASN B 69 -8.70 19.99 5.83
CA ASN B 69 -9.10 18.89 4.89
C ASN B 69 -7.98 18.79 3.89
N VAL B 70 -7.35 17.61 3.75
CA VAL B 70 -6.47 17.39 2.55
C VAL B 70 -7.33 16.76 1.47
N ASP B 71 -7.40 17.36 0.30
CA ASP B 71 -8.31 16.85 -0.74
C ASP B 71 -7.46 16.23 -1.86
N PHE B 72 -8.04 15.18 -2.43
CA PHE B 72 -7.35 14.37 -3.41
C PHE B 72 -8.12 14.38 -4.72
N ASP B 73 -7.33 14.11 -5.77
CA ASP B 73 -7.85 13.98 -7.10
C ASP B 73 -8.42 12.65 -7.12
N ASP B 74 -9.74 12.60 -7.14
CA ASP B 74 -10.53 11.42 -7.29
C ASP B 74 -11.38 11.40 -8.72
N THR B 75 -10.75 11.69 -9.86
CA THR B 75 -11.41 11.16 -11.10
C THR B 75 -10.61 9.99 -11.62
N GLU B 76 -9.59 9.57 -10.87
CA GLU B 76 -8.84 8.37 -11.24
C GLU B 76 -8.78 7.33 -10.11
N ASN B 77 -8.39 6.09 -10.41
CA ASN B 77 -8.33 4.99 -9.41
C ASN B 77 -6.87 4.76 -9.02
N LYS B 78 -6.09 5.85 -8.94
CA LYS B 78 -4.67 5.71 -8.47
C LYS B 78 -4.64 5.44 -6.95
N SER B 79 -5.64 6.01 -6.22
CA SER B 79 -5.67 5.86 -4.73
C SER B 79 -7.04 5.33 -4.37
N VAL B 80 -7.04 4.05 -3.97
CA VAL B 80 -8.34 3.31 -3.75
C VAL B 80 -8.18 2.36 -2.58
N LEU B 81 -9.33 2.11 -1.94
CA LEU B 81 -9.50 1.22 -0.81
C LEU B 81 -10.41 0.12 -1.32
N ARG B 82 -9.94 -1.14 -1.15
CA ARG B 82 -10.69 -2.33 -1.56
C ARG B 82 -10.57 -3.39 -0.47
N GLY B 83 -11.43 -4.41 -0.57
CA GLY B 83 -11.34 -5.50 0.38
C GLY B 83 -12.04 -5.24 1.73
N GLY B 84 -11.59 -5.96 2.75
CA GLY B 84 -12.29 -5.87 4.01
C GLY B 84 -13.79 -6.16 3.86
N PRO B 85 -14.66 -5.25 4.37
CA PRO B 85 -16.06 -5.41 4.25
C PRO B 85 -16.64 -4.92 2.92
N LEU B 86 -15.81 -4.35 2.06
CA LEU B 86 -16.34 -3.64 0.93
C LEU B 86 -16.56 -4.50 -0.31
N THR B 87 -17.61 -4.17 -1.04
CA THR B 87 -17.84 -4.60 -2.43
C THR B 87 -17.40 -3.52 -3.43
N GLY B 88 -16.47 -3.84 -4.32
CA GLY B 88 -16.07 -2.80 -5.30
C GLY B 88 -14.94 -1.88 -4.78
N SER B 89 -14.65 -0.88 -5.61
CA SER B 89 -13.53 0.03 -5.40
C SER B 89 -14.00 1.40 -4.86
N TYR B 90 -13.38 1.81 -3.73
CA TYR B 90 -13.75 3.08 -3.10
C TYR B 90 -12.58 4.07 -3.24
N ARG B 91 -12.89 5.19 -3.88
CA ARG B 91 -11.84 6.15 -4.32
C ARG B 91 -11.51 7.12 -3.21
N LEU B 92 -10.22 7.31 -2.88
CA LEU B 92 -9.82 8.29 -1.84
C LEU B 92 -10.29 9.70 -2.19
N ARG B 93 -10.90 10.40 -1.23
CA ARG B 93 -11.41 11.76 -1.43
C ARG B 93 -10.75 12.77 -0.53
N GLN B 94 -10.66 12.48 0.76
N GLN B 94 -10.67 12.44 0.77
CA GLN B 94 -10.15 13.52 1.66
CA GLN B 94 -10.30 13.45 1.77
C GLN B 94 -9.73 12.95 3.01
C GLN B 94 -9.64 12.84 3.00
N VAL B 95 -8.75 13.59 3.64
CA VAL B 95 -8.26 13.21 4.99
C VAL B 95 -8.50 14.41 5.91
N HIS B 96 -9.03 14.17 7.15
CA HIS B 96 -9.12 15.26 8.15
C HIS B 96 -8.94 14.65 9.52
N LEU B 97 -9.07 15.55 10.55
CA LEU B 97 -8.75 15.10 11.95
C LEU B 97 -9.72 15.68 12.95
N HIS B 98 -9.96 14.91 14.03
CA HIS B 98 -10.83 15.36 15.16
C HIS B 98 -9.94 15.33 16.40
N TRP B 99 -10.12 16.35 17.24
CA TRP B 99 -9.40 16.43 18.52
C TRP B 99 -10.28 17.02 19.59
N GLY B 100 -9.74 17.12 20.79
CA GLY B 100 -10.50 17.80 21.91
C GLY B 100 -9.68 18.97 22.49
N SER B 101 -10.26 19.66 23.52
CA SER B 101 -9.56 20.90 24.03
C SER B 101 -8.42 20.48 24.95
N ALA B 102 -8.33 19.22 25.33
CA ALA B 102 -7.14 18.76 26.10
C ALA B 102 -6.72 17.36 25.66
N ASP B 103 -5.47 17.00 25.90
CA ASP B 103 -4.95 15.66 25.44
C ASP B 103 -5.62 14.39 25.89
N ASP B 104 -6.41 14.44 26.99
CA ASP B 104 -6.91 13.18 27.59
C ASP B 104 -8.11 12.62 26.86
N HIS B 105 -8.74 13.41 25.98
CA HIS B 105 -9.83 12.86 25.17
C HIS B 105 -10.00 13.66 23.90
N GLY B 106 -10.70 13.14 22.91
CA GLY B 106 -10.71 13.96 21.67
C GLY B 106 -10.94 13.02 20.49
N SER B 107 -10.74 11.72 20.67
CA SER B 107 -11.23 10.77 19.65
C SER B 107 -12.78 10.78 19.51
N GLU B 108 -13.25 10.34 18.35
CA GLU B 108 -14.74 10.20 18.17
C GLU B 108 -15.22 8.83 18.62
N HIS B 109 -14.66 7.75 18.07
CA HIS B 109 -14.91 6.36 18.57
C HIS B 109 -14.23 6.14 19.91
N ILE B 110 -14.83 5.32 20.74
CA ILE B 110 -14.25 5.04 22.13
C ILE B 110 -14.30 3.51 22.29
N VAL B 111 -13.16 2.89 22.65
N VAL B 111 -13.20 2.84 22.64
CA VAL B 111 -13.01 1.42 22.71
CA VAL B 111 -13.20 1.36 22.61
C VAL B 111 -12.98 0.98 24.16
C VAL B 111 -12.94 0.84 24.03
N ASP B 112 -13.92 0.13 24.57
CA ASP B 112 -13.89 -0.38 26.00
C ASP B 112 -13.60 0.83 26.97
N GLY B 113 -14.27 1.96 26.68
CA GLY B 113 -14.14 3.17 27.52
C GLY B 113 -12.87 3.96 27.31
N VAL B 114 -11.98 3.52 26.43
CA VAL B 114 -10.73 4.28 26.18
C VAL B 114 -10.86 5.36 25.08
N SER B 115 -10.59 6.61 25.45
CA SER B 115 -10.48 7.70 24.47
C SER B 115 -8.98 8.01 24.24
N TYR B 116 -8.76 8.37 23.02
CA TYR B 116 -7.46 8.77 22.52
C TYR B 116 -7.50 10.24 22.40
N ALA B 117 -6.34 10.88 22.16
CA ALA B 117 -6.25 12.31 22.04
C ALA B 117 -6.90 12.86 20.77
N ALA B 118 -6.89 12.05 19.70
CA ALA B 118 -7.36 12.57 18.38
C ALA B 118 -7.72 11.36 17.51
N GLU B 119 -8.43 11.64 16.41
CA GLU B 119 -8.79 10.50 15.49
C GLU B 119 -8.76 11.08 14.02
N LEU B 120 -8.04 10.37 13.15
CA LEU B 120 -7.89 10.76 11.76
C LEU B 120 -8.94 9.97 10.95
N HIS B 121 -9.58 10.64 9.98
CA HIS B 121 -10.58 9.98 9.10
C HIS B 121 -10.10 10.06 7.66
N VAL B 122 -10.09 8.90 6.97
CA VAL B 122 -9.68 8.89 5.55
C VAL B 122 -10.96 8.49 4.78
N VAL B 123 -11.49 9.43 3.98
CA VAL B 123 -12.85 9.28 3.42
C VAL B 123 -12.76 8.86 1.94
N HIS B 124 -13.51 7.78 1.56
CA HIS B 124 -13.46 7.19 0.19
C HIS B 124 -14.93 7.02 -0.25
N TRP B 125 -15.12 7.02 -1.55
CA TRP B 125 -16.50 6.84 -2.04
C TRP B 125 -16.55 5.82 -3.24
N ASN B 126 -17.72 5.20 -3.37
CA ASN B 126 -17.95 4.09 -4.31
C ASN B 126 -18.14 4.61 -5.73
N SER B 127 -17.06 4.71 -6.44
CA SER B 127 -17.05 5.23 -7.84
C SER B 127 -17.36 4.08 -8.81
N ASP B 128 -17.44 2.84 -8.32
CA ASP B 128 -18.00 1.72 -9.13
C ASP B 128 -19.49 1.85 -9.39
N LYS B 129 -20.21 2.49 -8.47
CA LYS B 129 -21.66 2.66 -8.62
C LYS B 129 -22.17 4.07 -8.78
N TYR B 130 -21.50 5.05 -8.19
CA TYR B 130 -21.98 6.43 -8.16
C TYR B 130 -21.10 7.44 -8.95
N PRO B 131 -21.70 8.54 -9.41
CA PRO B 131 -20.97 9.44 -10.36
C PRO B 131 -20.11 10.46 -9.66
N SER B 132 -20.29 10.62 -8.35
CA SER B 132 -19.60 11.68 -7.64
C SER B 132 -19.67 11.36 -6.14
N PHE B 133 -18.70 11.96 -5.43
CA PHE B 133 -18.74 11.87 -3.95
C PHE B 133 -20.07 12.37 -3.38
N VAL B 134 -20.58 13.52 -3.84
CA VAL B 134 -21.82 14.03 -3.38
C VAL B 134 -22.99 13.09 -3.53
N GLU B 135 -23.15 12.42 -4.69
N GLU B 135 -23.14 12.46 -4.70
CA GLU B 135 -24.20 11.40 -4.82
CA GLU B 135 -24.15 11.43 -4.83
C GLU B 135 -23.96 10.14 -3.96
C GLU B 135 -23.91 10.28 -3.85
N ALA B 136 -22.69 9.73 -3.81
CA ALA B 136 -22.33 8.52 -3.03
C ALA B 136 -22.67 8.75 -1.52
N ALA B 137 -22.41 9.98 -1.07
CA ALA B 137 -22.81 10.36 0.30
C ALA B 137 -24.30 10.18 0.70
N HIS B 138 -25.23 10.02 -0.27
CA HIS B 138 -26.66 9.77 -0.03
C HIS B 138 -27.11 8.31 -0.23
N GLU B 139 -26.14 7.40 -0.21
N GLU B 139 -26.13 7.40 -0.31
CA GLU B 139 -26.45 6.01 -0.42
CA GLU B 139 -26.33 5.98 -0.61
C GLU B 139 -25.83 5.08 0.59
C GLU B 139 -25.80 5.08 0.55
N PRO B 140 -26.53 4.02 0.98
CA PRO B 140 -26.02 3.26 2.11
C PRO B 140 -24.66 2.66 1.92
N ASP B 141 -24.36 2.25 0.68
CA ASP B 141 -23.07 1.67 0.35
C ASP B 141 -22.17 2.74 -0.34
N GLY B 142 -22.46 4.03 -0.10
CA GLY B 142 -21.81 5.07 -0.87
C GLY B 142 -20.34 5.31 -0.38
N LEU B 143 -20.16 5.36 0.95
CA LEU B 143 -18.86 5.91 1.51
C LEU B 143 -18.19 4.81 2.37
N ALA B 144 -16.87 4.88 2.47
CA ALA B 144 -16.06 3.95 3.37
C ALA B 144 -15.03 4.86 4.03
N VAL B 145 -14.94 4.83 5.35
CA VAL B 145 -14.03 5.76 6.06
C VAL B 145 -13.14 4.92 6.96
N LEU B 146 -11.81 5.12 6.86
CA LEU B 146 -10.84 4.53 7.80
C LEU B 146 -10.72 5.49 8.95
N GLY B 147 -10.86 4.98 10.19
CA GLY B 147 -10.56 5.75 11.40
C GLY B 147 -9.26 5.25 12.03
N VAL B 148 -8.37 6.18 12.34
CA VAL B 148 -7.07 5.90 12.99
C VAL B 148 -6.99 6.70 14.26
N PHE B 149 -6.73 6.00 15.39
CA PHE B 149 -6.61 6.75 16.67
C PHE B 149 -5.24 7.34 16.82
N LEU B 150 -5.14 8.52 17.46
CA LEU B 150 -3.83 9.10 17.79
C LEU B 150 -3.71 9.12 19.30
N GLN B 151 -2.61 8.57 19.81
CA GLN B 151 -2.35 8.54 21.24
C GLN B 151 -1.18 9.46 21.52
N ILE B 152 -1.20 10.15 22.69
CA ILE B 152 -0.01 10.98 23.02
C ILE B 152 1.20 10.06 23.14
N GLY B 153 2.29 10.46 22.51
CA GLY B 153 3.48 9.64 22.46
C GLY B 153 4.59 10.50 21.85
N GLU B 154 5.51 9.74 21.23
N GLU B 154 5.72 9.91 21.58
CA GLU B 154 6.69 10.29 20.48
CA GLU B 154 6.77 10.78 21.07
C GLU B 154 6.23 11.18 19.33
C GLU B 154 6.30 11.27 19.67
N PRO B 155 6.89 12.36 19.13
CA PRO B 155 6.37 13.07 17.94
C PRO B 155 6.38 12.19 16.68
N ASN B 156 5.41 12.46 15.80
CA ASN B 156 5.20 11.70 14.62
C ASN B 156 5.65 12.49 13.39
N SER B 157 6.82 12.10 12.85
CA SER B 157 7.40 12.82 11.72
C SER B 157 6.49 12.82 10.50
N GLN B 158 5.56 11.86 10.48
CA GLN B 158 4.66 11.79 9.35
C GLN B 158 3.62 12.84 9.37
N LEU B 159 3.42 13.53 10.52
CA LEU B 159 2.50 14.66 10.53
C LEU B 159 3.15 15.99 10.12
N GLN B 160 4.48 16.04 9.81
CA GLN B 160 5.20 17.30 9.54
C GLN B 160 4.65 18.02 8.30
N LYS B 161 4.38 17.28 7.23
CA LYS B 161 3.95 17.98 6.04
C LYS B 161 2.69 18.74 6.43
N ILE B 162 1.78 18.11 7.19
CA ILE B 162 0.54 18.80 7.65
C ILE B 162 0.82 20.04 8.58
N THR B 163 1.51 19.80 9.66
CA THR B 163 1.61 20.82 10.68
C THR B 163 2.37 22.05 10.13
N ASP B 164 3.35 21.85 9.23
CA ASP B 164 4.03 22.95 8.54
C ASP B 164 3.12 23.86 7.75
N THR B 165 1.91 23.38 7.41
CA THR B 165 1.03 24.25 6.64
C THR B 165 0.01 25.03 7.45
N LEU B 166 -0.09 24.74 8.75
CA LEU B 166 -1.22 25.27 9.55
C LEU B 166 -1.25 26.78 9.66
N ASP B 167 -0.08 27.39 9.65
CA ASP B 167 -0.10 28.88 9.79
C ASP B 167 -0.70 29.48 8.54
N SER B 168 -0.37 28.90 7.40
CA SER B 168 -0.93 29.38 6.10
C SER B 168 -2.43 29.18 5.91
N ILE B 169 -3.04 28.29 6.71
CA ILE B 169 -4.53 28.11 6.65
C ILE B 169 -5.19 28.43 7.97
N LYS B 170 -4.67 29.44 8.71
CA LYS B 170 -5.26 29.74 10.03
C LYS B 170 -6.74 30.11 9.97
N GLU B 171 -7.11 30.91 8.95
CA GLU B 171 -8.52 31.38 8.85
C GLU B 171 -9.35 30.41 8.06
N LYS B 172 -10.61 30.28 8.46
CA LYS B 172 -11.61 29.48 7.69
C LYS B 172 -11.61 29.97 6.23
N GLY B 173 -11.61 29.03 5.30
CA GLY B 173 -11.60 29.27 3.84
C GLY B 173 -10.28 29.39 3.15
N LYS B 174 -9.18 29.47 3.93
CA LYS B 174 -7.80 29.47 3.38
C LYS B 174 -7.44 28.08 2.83
N GLN B 175 -6.67 28.07 1.75
CA GLN B 175 -6.14 26.81 1.20
C GLN B 175 -4.71 27.00 0.70
N THR B 176 -3.96 25.91 0.61
N THR B 176 -4.02 25.87 0.55
CA THR B 176 -2.64 26.00 -0.04
CA THR B 176 -2.63 25.86 0.19
C THR B 176 -2.32 24.71 -0.73
C THR B 176 -2.35 24.67 -0.70
N ARG B 177 -1.44 24.81 -1.70
N ARG B 177 -1.53 24.80 -1.75
CA ARG B 177 -0.96 23.67 -2.45
CA ARG B 177 -1.17 23.59 -2.48
C ARG B 177 -0.39 22.51 -1.57
C ARG B 177 -0.63 22.55 -1.48
N PHE B 178 -0.87 21.27 -1.79
CA PHE B 178 -0.44 20.19 -0.93
C PHE B 178 -0.34 18.90 -1.67
N THR B 179 0.83 18.60 -2.24
CA THR B 179 0.95 17.30 -3.04
C THR B 179 2.13 16.51 -2.62
N ASN B 180 2.22 15.31 -3.19
CA ASN B 180 3.28 14.38 -2.77
C ASN B 180 3.21 14.05 -1.30
N PHE B 181 2.00 13.68 -0.87
CA PHE B 181 1.74 13.41 0.53
C PHE B 181 1.74 11.87 0.74
N ASP B 182 2.56 11.41 1.65
CA ASP B 182 2.67 9.97 1.93
C ASP B 182 1.62 9.56 3.01
N LEU B 183 0.40 9.31 2.56
CA LEU B 183 -0.66 8.96 3.51
C LEU B 183 -0.43 7.57 4.11
N LEU B 184 0.13 6.67 3.29
CA LEU B 184 0.19 5.32 3.70
C LEU B 184 1.02 5.22 4.97
N SER B 185 2.07 6.07 5.07
CA SER B 185 2.98 6.04 6.21
C SER B 185 2.38 6.60 7.47
N LEU B 186 1.25 7.25 7.32
CA LEU B 186 0.57 7.77 8.46
C LEU B 186 -0.23 6.67 9.15
N LEU B 187 -0.63 5.59 8.44
CA LEU B 187 -1.31 4.45 9.04
C LEU B 187 -0.43 3.61 9.99
N PRO B 188 -1.04 2.96 11.00
CA PRO B 188 -0.19 2.14 11.85
C PRO B 188 0.26 0.84 11.15
N PRO B 189 1.22 0.12 11.77
CA PRO B 189 1.70 -1.10 11.08
C PRO B 189 0.74 -2.24 10.99
N SER B 190 -0.08 -2.47 12.04
CA SER B 190 -1.17 -3.45 11.97
C SER B 190 -2.46 -2.77 11.43
N TRP B 191 -3.18 -3.45 10.50
CA TRP B 191 -4.42 -2.87 9.94
C TRP B 191 -5.63 -3.63 10.44
N ASP B 192 -5.47 -4.34 11.55
CA ASP B 192 -6.61 -5.05 12.17
C ASP B 192 -7.64 -4.00 12.49
N TYR B 193 -8.91 -4.35 12.31
CA TYR B 193 -9.96 -3.32 12.47
C TYR B 193 -11.29 -3.85 12.98
N TRP B 194 -12.15 -2.87 13.37
CA TRP B 194 -13.59 -3.16 13.57
C TRP B 194 -14.41 -2.50 12.48
N THR B 195 -15.60 -3.06 12.17
CA THR B 195 -16.39 -2.45 11.06
C THR B 195 -17.86 -2.51 11.44
N TYR B 196 -18.62 -1.47 11.01
CA TYR B 196 -20.05 -1.39 11.36
C TYR B 196 -20.63 -0.36 10.40
N PRO B 197 -21.95 -0.37 10.18
CA PRO B 197 -22.67 0.62 9.32
C PRO B 197 -23.00 1.85 10.14
N GLY B 198 -22.53 3.05 9.67
CA GLY B 198 -22.86 4.24 10.36
C GLY B 198 -22.99 5.45 9.44
N SER B 199 -22.58 6.56 9.99
CA SER B 199 -22.89 7.91 9.37
C SER B 199 -21.69 8.84 9.28
N LEU B 200 -21.88 9.98 8.57
CA LEU B 200 -20.93 11.11 8.70
C LEU B 200 -21.08 11.49 10.20
N THR B 201 -19.98 11.96 10.78
CA THR B 201 -20.00 12.45 12.19
C THR B 201 -20.14 13.98 12.27
N VAL B 202 -20.42 14.61 11.11
CA VAL B 202 -20.73 16.03 11.03
C VAL B 202 -22.04 16.16 10.27
N PRO B 203 -22.76 17.27 10.47
CA PRO B 203 -23.87 17.62 9.56
C PRO B 203 -23.39 17.54 8.14
N PRO B 204 -24.18 16.90 7.26
CA PRO B 204 -25.55 16.49 7.46
C PRO B 204 -25.81 15.06 8.06
N LEU B 205 -24.73 14.41 8.54
CA LEU B 205 -24.95 13.20 9.38
C LEU B 205 -25.58 12.04 8.62
N LEU B 206 -25.33 12.02 7.27
CA LEU B 206 -25.97 11.03 6.38
C LEU B 206 -25.56 9.57 6.70
N GLU B 207 -26.50 8.63 6.70
CA GLU B 207 -26.18 7.21 7.05
C GLU B 207 -25.73 6.42 5.85
N SER B 208 -24.55 6.79 5.38
CA SER B 208 -24.02 6.26 4.16
C SER B 208 -22.61 5.71 4.33
N VAL B 209 -22.16 5.52 5.59
CA VAL B 209 -20.70 5.14 5.76
C VAL B 209 -20.53 3.71 6.26
N THR B 210 -19.65 2.97 5.57
CA THR B 210 -19.09 1.71 6.18
C THR B 210 -17.81 2.12 6.90
N TRP B 211 -17.94 2.08 8.22
CA TRP B 211 -16.77 2.41 9.11
C TRP B 211 -15.77 1.31 9.23
N ILE B 212 -14.49 1.63 9.12
CA ILE B 212 -13.41 0.67 9.30
C ILE B 212 -12.44 1.31 10.27
N VAL B 213 -12.55 0.96 11.56
CA VAL B 213 -11.85 1.66 12.61
C VAL B 213 -10.66 0.79 12.98
N LEU B 214 -9.42 1.31 12.83
CA LEU B 214 -8.24 0.46 13.10
C LEU B 214 -8.03 0.38 14.60
N LYS B 215 -7.65 -0.82 15.06
CA LYS B 215 -7.34 -1.06 16.48
C LYS B 215 -6.08 -0.36 16.98
N GLN B 216 -5.01 -0.37 16.17
CA GLN B 216 -3.71 0.14 16.66
C GLN B 216 -3.59 1.65 16.45
N PRO B 217 -3.36 2.43 17.50
CA PRO B 217 -3.18 3.87 17.38
C PRO B 217 -1.84 4.28 16.80
N ILE B 218 -1.73 5.48 16.25
CA ILE B 218 -0.42 6.06 15.95
C ILE B 218 -0.10 7.12 16.98
N ASN B 219 1.13 7.63 16.98
N ASN B 219 1.11 7.67 16.94
CA ASN B 219 1.53 8.60 18.01
CA ASN B 219 1.44 8.63 17.98
C ASN B 219 1.34 10.04 17.53
C ASN B 219 1.35 10.06 17.51
N ILE B 220 1.19 10.96 18.49
CA ILE B 220 1.30 12.37 18.21
C ILE B 220 1.86 12.94 19.51
N SER B 221 2.73 13.96 19.43
CA SER B 221 3.11 14.63 20.70
C SER B 221 2.13 15.73 21.16
N SER B 222 2.18 16.11 22.43
N SER B 222 2.20 16.12 22.42
CA SER B 222 1.32 17.20 22.90
CA SER B 222 1.37 17.22 22.92
C SER B 222 1.61 18.50 22.12
C SER B 222 1.62 18.50 22.14
N GLN B 223 2.90 18.77 21.84
CA GLN B 223 3.29 19.97 21.09
C GLN B 223 2.67 19.97 19.70
N GLN B 224 2.69 18.81 19.02
CA GLN B 224 2.10 18.76 17.69
C GLN B 224 0.61 18.99 17.78
N LEU B 225 -0.03 18.19 18.66
CA LEU B 225 -1.52 18.29 18.75
C LEU B 225 -1.98 19.72 19.04
N ALA B 226 -1.27 20.44 19.94
CA ALA B 226 -1.66 21.81 20.19
C ALA B 226 -1.72 22.77 19.02
N LYS B 227 -0.95 22.49 18.00
CA LYS B 227 -0.91 23.34 16.80
C LYS B 227 -2.27 23.31 16.12
N PHE B 228 -2.95 22.17 16.13
CA PHE B 228 -4.26 22.08 15.45
C PHE B 228 -5.31 22.94 16.15
N ARG B 229 -5.15 23.11 17.47
CA ARG B 229 -6.09 23.97 18.19
C ARG B 229 -5.95 25.43 17.95
N SER B 230 -4.86 25.88 17.28
CA SER B 230 -4.76 27.26 16.90
C SER B 230 -5.38 27.59 15.53
N LEU B 231 -5.90 26.56 14.82
CA LEU B 231 -6.77 26.88 13.70
C LEU B 231 -7.96 27.70 14.15
N LEU B 232 -8.44 28.61 13.30
CA LEU B 232 -9.68 29.30 13.61
C LEU B 232 -10.92 28.63 12.97
N CYS B 233 -12.06 28.74 13.63
CA CYS B 233 -13.34 28.30 12.98
C CYS B 233 -14.06 29.50 12.30
N THR B 234 -13.38 30.62 12.26
CA THR B 234 -13.96 31.83 11.70
C THR B 234 -13.10 32.31 10.51
N ALA B 235 -13.72 33.06 9.58
CA ALA B 235 -13.06 33.48 8.35
C ALA B 235 -12.35 34.85 8.58
N GLU B 236 -11.48 35.28 7.66
CA GLU B 236 -10.80 36.58 7.77
C GLU B 236 -11.85 37.70 7.96
N GLY B 237 -11.54 38.69 8.81
CA GLY B 237 -12.50 39.76 9.16
C GLY B 237 -13.81 39.42 9.88
N GLU B 238 -13.95 38.20 10.39
CA GLU B 238 -15.06 37.82 11.31
C GLU B 238 -14.35 37.74 12.69
N ALA B 239 -15.02 37.97 13.82
CA ALA B 239 -14.33 37.98 15.16
C ALA B 239 -13.77 36.58 15.42
N ALA B 240 -12.49 36.52 15.73
CA ALA B 240 -11.74 35.26 15.83
C ALA B 240 -12.33 34.33 16.90
N ALA B 241 -12.45 33.01 16.57
CA ALA B 241 -12.70 32.05 17.63
C ALA B 241 -11.88 30.82 17.20
N PHE B 242 -11.32 30.13 18.18
CA PHE B 242 -10.42 29.00 17.89
C PHE B 242 -11.15 27.68 17.83
N LEU B 243 -10.67 26.80 16.92
CA LEU B 243 -11.22 25.44 16.78
C LEU B 243 -10.48 24.54 17.80
N VAL B 244 -10.77 24.76 19.11
CA VAL B 244 -10.07 23.98 20.15
C VAL B 244 -10.52 22.56 20.30
N SER B 245 -11.75 22.25 19.86
CA SER B 245 -12.30 20.94 20.00
C SER B 245 -13.31 20.75 18.81
N ASN B 246 -13.28 19.57 18.20
CA ASN B 246 -14.15 19.34 16.98
C ASN B 246 -14.50 17.84 16.88
N HIS B 247 -14.88 17.20 18.01
CA HIS B 247 -15.31 15.79 18.01
C HIS B 247 -16.75 15.62 18.47
N ARG B 248 -17.47 14.72 17.81
CA ARG B 248 -18.86 14.41 18.21
C ARG B 248 -18.79 13.25 19.23
N PRO B 249 -19.66 13.25 20.30
CA PRO B 249 -19.71 12.08 21.15
C PRO B 249 -20.31 10.83 20.54
N PRO B 250 -19.96 9.66 21.07
CA PRO B 250 -20.51 8.45 20.52
C PRO B 250 -22.04 8.45 20.69
N GLN B 251 -22.67 7.86 19.70
CA GLN B 251 -24.11 7.67 19.65
C GLN B 251 -24.51 6.21 19.93
N PRO B 252 -25.77 5.98 20.37
CA PRO B 252 -26.11 4.57 20.69
C PRO B 252 -26.17 3.64 19.47
N LEU B 253 -25.79 2.38 19.68
CA LEU B 253 -25.76 1.38 18.60
C LEU B 253 -27.12 1.03 18.04
N LYS B 254 -28.13 1.09 18.89
CA LYS B 254 -29.54 0.83 18.47
C LYS B 254 -29.70 -0.48 17.69
N GLY B 255 -29.06 -1.53 18.15
CA GLY B 255 -29.30 -2.89 17.55
C GLY B 255 -28.17 -3.32 16.59
N ARG B 256 -27.36 -2.36 16.09
CA ARG B 256 -26.27 -2.77 15.19
C ARG B 256 -25.23 -3.60 15.92
N LYS B 257 -24.54 -4.41 15.17
CA LYS B 257 -23.45 -5.18 15.71
C LYS B 257 -22.13 -4.78 15.01
N VAL B 258 -21.10 -4.73 15.83
CA VAL B 258 -19.76 -4.46 15.30
C VAL B 258 -18.98 -5.75 15.03
N ARG B 259 -18.33 -5.86 13.90
CA ARG B 259 -17.56 -7.08 13.49
C ARG B 259 -16.09 -6.77 13.60
N ALA B 260 -15.30 -7.79 13.89
CA ALA B 260 -13.81 -7.64 13.98
C ALA B 260 -13.15 -8.41 12.86
N SER B 261 -12.04 -7.86 12.32
CA SER B 261 -11.29 -8.45 11.28
C SER B 261 -10.31 -9.53 11.78
N PHE B 262 -10.25 -9.70 13.11
CA PHE B 262 -9.12 -10.40 13.76
C PHE B 262 -9.71 -11.17 14.98
N HIS B 263 -9.04 -12.25 15.42
CA HIS B 263 -9.40 -12.87 16.71
C HIS B 263 -8.30 -13.07 17.68
ZN ZN C . 14.91 -12.82 -10.30
CL EWW D . 16.90 -11.45 -4.72
CL EWW D . 17.07 -10.95 -5.01
C3 EWW D . 18.04 -11.39 -6.08
C3 EWW D . 18.15 -11.19 -6.36
C4 EWW D . 17.75 -11.99 -7.32
C4 EWW D . 17.79 -11.99 -7.47
S6 EWW D . 16.22 -12.89 -7.63
S6 EWW D . 16.22 -12.87 -7.57
O8 EWW D . 15.13 -11.86 -7.83
O8 EWW D . 15.07 -11.87 -7.56
N11 EWW D . 16.35 -13.51 -9.35
N11 EWW D . 16.05 -13.56 -9.24
O7 EWW D . 16.17 -14.11 -6.53
O7 EWW D . 16.30 -14.06 -6.41
C5 EWW D . 18.62 -11.96 -8.39
C5 EWW D . 18.65 -12.18 -8.53
C2 EWW D . 19.28 -10.76 -5.96
C2 EWW D . 19.40 -10.55 -6.35
C22 EWW D . 20.17 -10.72 -7.06
C22 EWW D . 20.27 -10.74 -7.42
C1 EWW D . 19.84 -11.32 -8.26
C1 EWW D . 19.89 -11.54 -8.48
C9 EWW D . 21.50 -10.10 -6.94
C9 EWW D . 21.63 -10.15 -7.44
O12 EWW D . 21.89 -9.85 -5.81
O12 EWW D . 22.42 -10.58 -8.29
C10 EWW D . 22.42 -9.88 -8.12
C10 EWW D . 22.06 -9.15 -6.40
S13 EWW D . 23.89 -8.95 -7.55
S13 EWW D . 22.34 -9.97 -4.79
C14 EWW D . 22.98 -7.40 -7.43
C14 EWW D . 24.09 -9.65 -4.81
N17 EWW D . 23.63 -6.22 -7.51
N17 EWW D . 24.97 -10.68 -4.95
C18 EWW D . 22.95 -5.04 -7.43
C18 EWW D . 26.32 -10.45 -4.98
O21 EWW D . 23.64 -4.07 -7.52
O21 EWW D . 27.10 -11.37 -5.11
C19 EWW D . 21.55 -5.00 -7.23
C19 EWW D . 26.80 -9.15 -4.85
C16 EWW D . 20.92 -6.26 -7.18
C16 EWW D . 25.89 -8.11 -4.70
N15 EWW D . 21.64 -7.41 -7.25
N15 EWW D . 24.55 -8.37 -4.69
C20 EWW D . 19.46 -6.43 -6.97
C20 EWW D . 26.36 -6.71 -4.57
C1 PEG E . 21.18 8.20 -12.95
O1 PEG E . 20.95 9.02 -11.72
C2 PEG E . 20.71 8.51 -14.40
O2 PEG E . 19.35 8.28 -14.78
C3 PEG E . 18.59 9.37 -15.26
C4 PEG E . 17.13 9.40 -14.92
O4 PEG E . 16.78 10.76 -14.47
S DMS F . 13.59 -14.70 8.73
O DMS F . 12.33 -14.96 9.52
C1 DMS F . 13.35 -13.12 8.20
C2 DMS F . 15.02 -14.53 9.67
C1 CIT G . 12.41 -24.77 -20.32
O1 CIT G . 11.39 -24.09 -20.54
O2 CIT G . 12.63 -25.14 -19.10
C2 CIT G . 13.34 -25.16 -21.48
C3 CIT G . 14.06 -24.02 -22.26
O7 CIT G . 14.75 -23.22 -21.30
C4 CIT G . 15.02 -24.38 -23.45
C5 CIT G . 16.35 -23.57 -23.67
O3 CIT G . 16.80 -23.35 -24.86
O4 CIT G . 16.97 -23.18 -22.63
C6 CIT G . 12.97 -23.18 -22.86
O5 CIT G . 12.31 -23.61 -23.86
O6 CIT G . 12.76 -22.12 -22.27
C1 PEG H . 0.51 -17.01 -26.42
O1 PEG H . 1.66 -16.61 -27.13
C2 PEG H . 0.73 -18.08 -25.39
O2 PEG H . -0.46 -18.06 -24.58
C3 PEG H . -0.43 -18.86 -23.38
C4 PEG H . 0.55 -18.24 -22.41
O4 PEG H . 1.45 -19.21 -21.90
C1 EDO I . -8.16 -6.22 -3.83
O1 EDO I . -9.38 -6.36 -3.03
C2 EDO I . -8.67 -6.20 -5.27
O2 EDO I . -8.91 -7.57 -5.68
C1 CIT J . -3.64 -32.37 -2.39
O1 CIT J . -4.49 -33.14 -1.75
O2 CIT J . -2.74 -31.73 -1.72
C2 CIT J . -3.53 -32.25 -3.95
C3 CIT J . -4.42 -31.61 -5.08
O7 CIT J . -3.84 -32.32 -6.10
C4 CIT J . -5.93 -31.92 -5.29
C5 CIT J . -6.68 -31.38 -6.55
O3 CIT J . -7.16 -32.11 -7.51
O4 CIT J . -6.88 -30.14 -6.61
C6 CIT J . -3.96 -30.20 -5.49
O5 CIT J . -4.69 -29.15 -5.61
O6 CIT J . -2.72 -30.14 -5.75
C1 EDO K . -0.17 -1.12 -17.50
O1 EDO K . -0.33 -1.46 -16.10
C2 EDO K . -0.84 0.19 -17.83
O2 EDO K . -2.24 0.00 -17.99
ZN ZN L . -14.40 12.87 10.50
CL EWW M . -17.51 10.78 5.83
C3 EWW M . -17.45 12.51 6.13
C4 EWW M . -17.04 13.02 7.36
S6 EWW M . -16.66 11.93 8.76
O8 EWW M . -15.42 11.29 8.43
N11 EWW M . -16.20 13.01 10.17
O7 EWW M . -17.99 11.07 9.08
C5 EWW M . -17.00 14.38 7.62
C2 EWW M . -17.80 13.36 5.10
C22 EWW M . -17.72 14.75 5.30
C1 EWW M . -17.37 15.24 6.56
C9 EWW M . -18.11 15.63 4.16
O12 EWW M . -17.71 16.78 4.00
C10 EWW M . -19.03 15.06 3.15
S13 EWW M . -20.70 15.49 3.68
C14 EWW M . -21.25 16.10 2.09
N17 EWW M . -22.39 15.57 1.57
C18 EWW M . -22.84 16.02 0.37
O21 EWW M . -23.85 15.54 -0.08
C19 EWW M . -22.14 17.04 -0.34
C16 EWW M . -20.96 17.56 0.21
N15 EWW M . -20.54 17.08 1.42
C20 EWW M . -20.19 18.63 -0.50
NI NI N . -13.19 18.61 24.43
#